data_9GO0
#
_entry.id   9GO0
#
loop_
_entity.id
_entity.type
_entity.pdbx_description
1 polymer Cas12k
2 polymer sgRNA
3 polymer 'DNA target strand'
4 polymer 'DNA non-target strand'
#
loop_
_entity_poly.entity_id
_entity_poly.type
_entity_poly.pdbx_seq_one_letter_code
_entity_poly.pdbx_strand_id
1 'polypeptide(L)'
;SNASQITIQARLISFESNRQQLWKLMADLNTPLINELLCQLGQHPDFEKWQQKGKLPSTVVSQLCQPLKTDPRFAGQPSR
LYMSAIHIVDYIYKSWLAIQKRLQQQLDGKTRWLEMLNSDAELVELSGDTLEAIRVKAAEILAIAMPASESDSASPKGKK
GKKEKKPSSSSPKRSLSKTLFDAYQETEDIKSRSAISYLLKNGCKLTDKEEDSEKFAKRRRQVEIQIQRLTEKLISRMPK
GRDLTNAKWLETLLTATTTVAEDNAQAKRWQDILLTRSSSLPFPLVFETNEDMVWSKNQKGRLCVHFNGLSDLIFEVYCG
NRQLHWFQRFLEDQQTKRKSKNQHSSGLFTLRNGHLVWLEGEGKGEPWNLHHLTLYCCVDNRLWTEEGTEIVRQEKADEI
TKFITNMKKKSDLSDTQQALIQRKQSTLTRINNSFERPSQPLYQGQSHILVGVSLGLEKPATVAVVDAIANKVLAYRSIK
QLLGDNYELLNRQRRQQQYLSHERHKAQKNFSPNQFGASELGQHIDRLLAKAIVALARTYKAGSIVLPKLGDMREVVQSE
IQAIAEQKFPGYIEGQQKYAKQYRVNVHRWSYGRLIQSIQSKAAQTGIVIEEGKQPIRGSPHDKAKELALSAYNLRLTRR
S
;
A
2 'polyribonucleotide'
;GGAUAUUAAUAGCGCCGCAAUUCAUGCUGCUUGCAGCCUCUGAAUUUUGUUAAAUGAGGGUUAGUUUGACUGUAUAAAUA
CAGUCUUGCUUUCUGACCCUGGUAGCUGCUCACCCUGAUGCUGCUGUCAAUAGACAGGAUAGGUGCGCUCCCAGCAAUAA
GGGCGCGGAUGUACUGCUGUAGUGGCUACUGAAUCACCCCCGAUCAAGGGGGAACCCUAAAUGGGUUGAAAGGAGAAGUC
AUUUAAUAAGGCCACU
;
B
3 'polydeoxyribonucleotide'
;(DG)(DT)(DT)(DT)(DA)(DA)(DC)(DA)(DG)(DT)(DG)(DG)(DC)(DC)(DT)(DT)(DA)(DT)(DT)(DA)
(DA)(DA)(DT)(DG)(DA)(DC)(DT)(DT)(DC)(DT)(DC)(DA)(DA)(DC)(DC)(DT)(DC)(DC)(DT)(DA)
(DC)(DG)(DT)(DA)(DT)(DC)(DG)(DT)(DA)(DG)
;
C
4 'polydeoxyribonucleotide'
;(DC)(DT)(DA)(DC)(DG)(DA)(DT)(DA)(DC)(DG)(DT)(DA)(DG)(DG)(DA)(DG)(DG)(DT)(DT)(DG)
(DA)(DG)(DA)(DA)(DG)(DT)(DC)(DA)(DT)(DT)(DT)(DA)(DA)(DT)(DA)(DA)(DG)(DG)(DC)(DC)
(DA)(DC)(DT)(DG)(DT)(DT)(DA)(DA)(DA)(DC)
;
D
#
# COMPACT_ATOMS: atom_id res chain seq x y z
N ASN A 2 7.66 4.51 5.86
CA ASN A 2 7.10 5.22 4.73
C ASN A 2 5.77 4.61 4.29
N ALA A 3 4.68 5.29 4.62
CA ALA A 3 3.36 4.89 4.17
C ALA A 3 3.00 5.48 2.81
N SER A 4 3.87 6.31 2.24
CA SER A 4 3.59 6.92 0.95
C SER A 4 3.93 6.03 -0.23
N GLN A 5 4.70 4.96 -0.01
CA GLN A 5 5.13 4.11 -1.11
C GLN A 5 3.95 3.35 -1.70
N ILE A 6 3.92 3.27 -3.02
CA ILE A 6 2.87 2.59 -3.77
C ILE A 6 3.52 1.49 -4.59
N THR A 7 2.70 0.75 -5.32
CA THR A 7 3.18 -0.35 -6.15
C THR A 7 2.62 -0.23 -7.56
N ILE A 8 3.51 -0.23 -8.54
CA ILE A 8 3.14 -0.21 -9.94
C ILE A 8 3.37 -1.61 -10.48
N GLN A 9 2.71 -1.92 -11.60
CA GLN A 9 2.84 -3.23 -12.19
C GLN A 9 2.91 -3.11 -13.69
N ALA A 10 3.50 -4.13 -14.30
CA ALA A 10 3.55 -4.24 -15.75
C ALA A 10 3.61 -5.71 -16.11
N ARG A 11 3.50 -6.00 -17.40
CA ARG A 11 3.63 -7.36 -17.90
C ARG A 11 4.89 -7.47 -18.75
N LEU A 12 5.68 -8.49 -18.50
CA LEU A 12 6.92 -8.69 -19.22
C LEU A 12 6.69 -9.69 -20.35
N ILE A 13 7.37 -9.46 -21.47
CA ILE A 13 7.15 -10.22 -22.70
C ILE A 13 8.51 -10.64 -23.24
N SER A 14 8.62 -11.88 -23.69
CA SER A 14 9.86 -12.33 -24.31
C SER A 14 9.61 -13.48 -25.28
N PHE A 15 10.68 -14.05 -25.80
CA PHE A 15 10.56 -15.25 -26.61
C PHE A 15 10.09 -16.41 -25.75
N GLU A 16 9.63 -17.47 -26.40
CA GLU A 16 9.26 -18.65 -25.65
C GLU A 16 10.49 -19.28 -25.00
N SER A 17 11.66 -19.12 -25.61
CA SER A 17 12.87 -19.71 -25.05
C SER A 17 13.27 -19.05 -23.74
N ASN A 18 13.32 -17.71 -23.72
CA ASN A 18 13.67 -17.00 -22.49
C ASN A 18 12.65 -17.26 -21.40
N ARG A 19 11.36 -17.24 -21.77
CA ARG A 19 10.31 -17.52 -20.80
C ARG A 19 10.47 -18.93 -20.25
N GLN A 20 10.83 -19.88 -21.12
CA GLN A 20 11.08 -21.24 -20.67
C GLN A 20 12.23 -21.29 -19.68
N GLN A 21 13.31 -20.56 -19.97
CA GLN A 21 14.44 -20.55 -19.05
C GLN A 21 14.02 -20.01 -17.69
N LEU A 22 13.27 -18.92 -17.68
CA LEU A 22 12.84 -18.35 -16.40
C LEU A 22 11.91 -19.31 -15.65
N TRP A 23 10.97 -19.92 -16.36
CA TRP A 23 10.05 -20.84 -15.72
C TRP A 23 10.80 -22.02 -15.11
N LYS A 24 11.70 -22.63 -15.89
CA LYS A 24 12.50 -23.74 -15.37
C LYS A 24 13.30 -23.30 -14.16
N LEU A 25 13.96 -22.14 -14.26
CA LEU A 25 14.87 -21.69 -13.24
C LEU A 25 14.15 -21.45 -11.92
N MET A 26 12.97 -20.83 -11.95
CA MET A 26 12.34 -20.60 -10.65
C MET A 26 11.56 -21.82 -10.18
N ALA A 27 10.76 -22.43 -11.06
CA ALA A 27 9.90 -23.54 -10.64
C ALA A 27 10.71 -24.74 -10.18
N ASP A 28 11.83 -25.03 -10.85
CA ASP A 28 12.61 -26.19 -10.47
C ASP A 28 13.65 -25.90 -9.40
N LEU A 29 14.02 -24.63 -9.21
CA LEU A 29 15.06 -24.32 -8.24
C LEU A 29 14.56 -23.41 -7.12
N ASN A 30 13.93 -22.29 -7.49
CA ASN A 30 13.60 -21.27 -6.50
C ASN A 30 12.60 -21.77 -5.48
N THR A 31 11.45 -22.30 -5.94
CA THR A 31 10.43 -22.70 -4.98
C THR A 31 10.79 -23.99 -4.23
N PRO A 32 11.49 -24.97 -4.83
CA PRO A 32 11.98 -26.07 -4.00
C PRO A 32 12.93 -25.60 -2.92
N LEU A 33 13.82 -24.66 -3.23
CA LEU A 33 14.71 -24.12 -2.21
C LEU A 33 13.92 -23.42 -1.12
N ILE A 34 12.91 -22.65 -1.51
CA ILE A 34 12.08 -21.97 -0.52
C ILE A 34 11.42 -23.00 0.40
N ASN A 35 10.82 -24.04 -0.18
CA ASN A 35 10.15 -25.04 0.63
C ASN A 35 11.14 -25.73 1.57
N GLU A 36 12.33 -26.05 1.07
CA GLU A 36 13.34 -26.68 1.90
C GLU A 36 13.74 -25.78 3.06
N LEU A 37 13.91 -24.48 2.80
CA LEU A 37 14.39 -23.61 3.87
C LEU A 37 13.31 -23.41 4.92
N LEU A 38 12.03 -23.33 4.51
CA LEU A 38 10.96 -23.32 5.50
C LEU A 38 10.94 -24.62 6.31
N CYS A 39 11.08 -25.76 5.64
CA CYS A 39 11.06 -27.03 6.39
C CYS A 39 12.22 -27.09 7.37
N GLN A 40 13.33 -26.44 7.03
CA GLN A 40 14.46 -26.39 7.95
C GLN A 40 14.19 -25.46 9.14
N LEU A 41 13.57 -24.31 8.88
CA LEU A 41 13.35 -23.34 9.98
C LEU A 41 12.26 -23.86 10.92
N GLY A 42 11.33 -24.68 10.42
CA GLY A 42 10.25 -25.20 11.24
C GLY A 42 10.74 -26.13 12.33
N GLN A 43 11.75 -26.93 12.01
CA GLN A 43 12.36 -27.84 12.96
C GLN A 43 13.55 -27.22 13.69
N HIS A 44 13.86 -25.96 13.40
CA HIS A 44 14.98 -25.33 14.07
C HIS A 44 14.66 -25.08 15.55
N PRO A 45 15.61 -25.34 16.46
CA PRO A 45 15.46 -25.11 17.90
C PRO A 45 15.08 -23.67 18.22
N SER A 58 16.50 -14.22 12.55
CA SER A 58 16.66 -14.78 11.21
C SER A 58 18.07 -14.54 10.68
N THR A 59 18.95 -14.08 11.57
CA THR A 59 20.33 -13.85 11.17
C THR A 59 21.02 -15.15 10.79
N VAL A 60 20.73 -16.22 11.52
CA VAL A 60 21.37 -17.51 11.27
C VAL A 60 20.97 -18.07 9.91
N VAL A 61 19.86 -17.60 9.33
CA VAL A 61 19.37 -18.13 8.06
C VAL A 61 20.40 -17.91 6.95
N SER A 62 21.18 -16.83 7.05
CA SER A 62 22.17 -16.53 6.02
C SER A 62 23.16 -17.69 5.87
N GLN A 63 23.70 -18.17 6.99
CA GLN A 63 24.62 -19.30 6.94
C GLN A 63 23.90 -20.63 6.94
N LEU A 64 22.60 -20.66 7.24
CA LEU A 64 21.82 -21.88 7.07
C LEU A 64 21.62 -22.21 5.60
N CYS A 65 21.40 -21.18 4.78
CA CYS A 65 21.21 -21.40 3.35
C CYS A 65 22.50 -21.75 2.62
N GLN A 66 23.64 -21.33 3.16
CA GLN A 66 24.92 -21.57 2.47
C GLN A 66 25.15 -23.04 2.14
N PRO A 67 24.93 -24.00 3.04
CA PRO A 67 25.03 -25.40 2.63
C PRO A 67 24.04 -25.78 1.54
N LEU A 68 22.86 -25.16 1.55
CA LEU A 68 21.86 -25.45 0.52
C LEU A 68 22.22 -24.85 -0.83
N LYS A 69 23.27 -24.03 -0.90
CA LYS A 69 23.62 -23.38 -2.16
C LYS A 69 24.00 -24.40 -3.22
N THR A 70 24.79 -25.40 -2.85
CA THR A 70 25.31 -26.35 -3.82
C THR A 70 24.39 -27.54 -4.06
N ASP A 71 23.33 -27.70 -3.27
CA ASP A 71 22.45 -28.85 -3.43
C ASP A 71 21.73 -28.87 -4.78
N PRO A 72 21.06 -27.80 -5.23
CA PRO A 72 20.36 -27.91 -6.52
C PRO A 72 21.15 -27.29 -7.67
N PRO A 78 21.81 -17.41 -11.25
CA PRO A 78 20.68 -17.30 -10.33
C PRO A 78 21.14 -16.92 -8.93
N SER A 79 22.29 -16.25 -8.86
CA SER A 79 22.93 -16.02 -7.55
C SER A 79 22.06 -15.17 -6.65
N ARG A 80 21.59 -14.02 -7.15
CA ARG A 80 20.76 -13.14 -6.32
C ARG A 80 19.48 -13.82 -5.86
N LEU A 81 19.00 -14.82 -6.59
CA LEU A 81 17.74 -15.44 -6.23
C LEU A 81 17.88 -16.28 -4.97
N TYR A 82 19.10 -16.70 -4.63
CA TYR A 82 19.29 -17.50 -3.43
C TYR A 82 19.02 -16.71 -2.15
N MET A 83 19.54 -15.48 -2.03
CA MET A 83 19.15 -14.70 -0.87
C MET A 83 17.85 -13.95 -1.10
N SER A 84 17.35 -13.91 -2.35
CA SER A 84 15.97 -13.50 -2.54
C SER A 84 15.04 -14.46 -1.80
N ALA A 85 15.29 -15.77 -1.95
CA ALA A 85 14.54 -16.76 -1.20
C ALA A 85 14.76 -16.59 0.30
N ILE A 86 15.98 -16.22 0.72
CA ILE A 86 16.23 -15.97 2.14
C ILE A 86 15.35 -14.82 2.63
N HIS A 87 15.23 -13.76 1.84
CA HIS A 87 14.40 -12.63 2.24
C HIS A 87 12.93 -13.04 2.32
N ILE A 88 12.46 -13.81 1.33
CA ILE A 88 11.09 -14.32 1.39
C ILE A 88 10.87 -15.11 2.67
N VAL A 89 11.83 -15.97 3.01
CA VAL A 89 11.74 -16.79 4.20
C VAL A 89 11.68 -15.91 5.44
N ASP A 90 12.53 -14.87 5.50
CA ASP A 90 12.56 -14.00 6.66
C ASP A 90 11.23 -13.28 6.84
N TYR A 91 10.64 -12.80 5.74
CA TYR A 91 9.35 -12.12 5.84
C TYR A 91 8.24 -13.10 6.23
N ILE A 92 8.33 -14.35 5.76
CA ILE A 92 7.39 -15.37 6.20
C ILE A 92 7.51 -15.61 7.70
N TYR A 93 8.75 -15.78 8.19
CA TYR A 93 8.96 -16.13 9.58
C TYR A 93 8.57 -15.01 10.52
N LYS A 94 8.92 -13.78 10.16
CA LYS A 94 8.66 -12.65 11.04
C LYS A 94 7.17 -12.40 11.25
N SER A 95 6.31 -13.02 10.45
CA SER A 95 4.87 -12.82 10.62
C SER A 95 4.37 -13.54 11.87
N TRP A 96 4.98 -14.66 12.23
CA TRP A 96 4.49 -15.53 13.30
C TRP A 96 3.00 -15.86 13.11
N SER A 280 0.16 -24.30 -10.61
CA SER A 280 1.57 -24.66 -10.71
C SER A 280 2.45 -23.42 -10.72
N LEU A 281 1.92 -22.32 -10.21
CA LEU A 281 2.66 -21.07 -10.21
C LEU A 281 3.79 -21.14 -9.20
N PRO A 282 5.03 -20.85 -9.60
CA PRO A 282 6.11 -20.74 -8.62
C PRO A 282 5.96 -19.49 -7.78
N PHE A 283 6.64 -19.48 -6.64
CA PHE A 283 6.59 -18.34 -5.76
C PHE A 283 7.24 -17.13 -6.43
N PRO A 284 6.74 -15.92 -6.14
CA PRO A 284 7.32 -14.73 -6.75
C PRO A 284 8.79 -14.57 -6.42
N LEU A 285 9.54 -14.08 -7.39
CA LEU A 285 10.97 -13.85 -7.26
C LEU A 285 11.19 -12.37 -6.97
N VAL A 286 11.64 -12.05 -5.77
CA VAL A 286 11.75 -10.67 -5.33
C VAL A 286 13.19 -10.20 -5.39
N PHE A 287 13.42 -9.08 -6.04
CA PHE A 287 14.69 -8.37 -6.03
C PHE A 287 14.51 -7.18 -5.10
N GLU A 288 15.12 -7.26 -3.92
CA GLU A 288 15.02 -6.22 -2.91
C GLU A 288 16.19 -5.23 -3.05
N THR A 289 16.38 -4.76 -4.28
CA THR A 289 17.49 -3.86 -4.55
C THR A 289 17.11 -2.94 -5.71
N ASN A 290 17.47 -1.67 -5.59
CA ASN A 290 17.24 -0.74 -6.68
C ASN A 290 18.03 -1.11 -7.91
N GLU A 291 19.18 -1.78 -7.72
CA GLU A 291 20.11 -2.05 -8.81
C GLU A 291 20.08 -3.49 -9.28
N ASP A 292 19.19 -4.33 -8.74
CA ASP A 292 19.04 -5.67 -9.28
C ASP A 292 18.55 -5.62 -10.72
N MET A 293 17.53 -4.80 -10.98
CA MET A 293 17.05 -4.62 -12.34
C MET A 293 17.95 -3.64 -13.07
N VAL A 294 18.15 -3.89 -14.35
CA VAL A 294 18.88 -2.98 -15.23
C VAL A 294 17.93 -2.65 -16.37
N TRP A 295 17.55 -1.38 -16.47
CA TRP A 295 16.60 -0.99 -17.48
C TRP A 295 17.33 -0.59 -18.76
N SER A 296 16.63 -0.72 -19.88
CA SER A 296 17.18 -0.34 -21.16
C SER A 296 16.03 0.00 -22.09
N LYS A 297 16.35 0.57 -23.23
CA LYS A 297 15.35 0.91 -24.24
C LYS A 297 15.59 0.04 -25.46
N ASN A 298 14.55 -0.65 -25.90
CA ASN A 298 14.66 -1.54 -27.03
C ASN A 298 14.93 -0.75 -28.31
N GLN A 299 15.39 -1.46 -29.34
CA GLN A 299 15.57 -0.83 -30.64
C GLN A 299 14.25 -0.27 -31.17
N LYS A 300 13.13 -0.87 -30.80
CA LYS A 300 11.82 -0.40 -31.20
C LYS A 300 11.27 0.65 -30.26
N GLY A 301 12.03 1.05 -29.24
CA GLY A 301 11.63 2.09 -28.33
C GLY A 301 11.03 1.61 -27.03
N ARG A 302 10.56 0.36 -26.97
CA ARG A 302 10.00 -0.17 -25.74
C ARG A 302 11.08 -0.32 -24.68
N LEU A 303 10.66 -0.28 -23.42
CA LEU A 303 11.57 -0.53 -22.33
C LEU A 303 11.80 -2.03 -22.16
N CYS A 304 12.96 -2.36 -21.59
CA CYS A 304 13.29 -3.74 -21.31
C CYS A 304 13.98 -3.81 -19.96
N VAL A 305 13.77 -4.94 -19.29
CA VAL A 305 14.37 -5.22 -18.00
C VAL A 305 15.35 -6.37 -18.17
N HIS A 306 16.51 -6.24 -17.55
CA HIS A 306 17.50 -7.30 -17.47
C HIS A 306 17.77 -7.54 -15.99
N PHE A 307 17.53 -8.75 -15.52
CA PHE A 307 17.76 -9.03 -14.11
C PHE A 307 19.20 -9.48 -13.87
N ASN A 308 19.69 -9.20 -12.67
CA ASN A 308 21.12 -9.41 -12.38
C ASN A 308 21.50 -10.87 -12.51
N GLY A 309 20.65 -11.76 -12.01
CA GLY A 309 20.97 -13.19 -12.09
C GLY A 309 20.76 -13.77 -13.47
N LEU A 310 20.22 -13.01 -14.40
CA LEU A 310 19.84 -13.51 -15.71
C LEU A 310 20.58 -12.70 -16.77
N SER A 311 21.64 -13.31 -17.32
CA SER A 311 22.47 -12.62 -18.29
C SER A 311 21.73 -12.38 -19.60
N ASP A 312 21.08 -13.41 -20.14
CA ASP A 312 20.49 -13.33 -21.46
C ASP A 312 18.99 -13.09 -21.43
N LEU A 313 18.42 -12.85 -20.25
CA LEU A 313 16.97 -12.79 -20.10
C LEU A 313 16.55 -11.32 -20.13
N ILE A 314 16.22 -10.83 -21.31
CA ILE A 314 15.77 -9.46 -21.49
C ILE A 314 14.27 -9.49 -21.77
N PHE A 315 13.51 -8.83 -20.91
CA PHE A 315 12.05 -8.84 -21.05
C PHE A 315 11.55 -7.46 -21.44
N GLU A 316 10.78 -7.39 -22.51
CA GLU A 316 10.16 -6.15 -22.91
C GLU A 316 9.01 -5.84 -21.97
N VAL A 317 8.86 -4.56 -21.62
CA VAL A 317 7.90 -4.14 -20.61
C VAL A 317 6.67 -3.56 -21.30
N TYR A 318 5.51 -4.12 -20.98
CA TYR A 318 4.23 -3.61 -21.47
C TYR A 318 3.46 -3.13 -20.25
N CYS A 319 3.10 -1.85 -20.25
CA CYS A 319 2.40 -1.27 -19.11
C CYS A 319 1.29 -0.38 -19.66
N GLY A 320 0.66 0.38 -18.78
CA GLY A 320 -0.35 1.33 -19.15
C GLY A 320 0.22 2.73 -19.14
N ASN A 321 -0.29 3.57 -20.03
CA ASN A 321 0.19 4.94 -20.08
C ASN A 321 -0.07 5.68 -18.78
N ARG A 322 -1.01 5.20 -17.97
CA ARG A 322 -1.23 5.79 -16.65
C ARG A 322 -0.01 5.63 -15.76
N GLN A 323 0.88 4.69 -16.07
CA GLN A 323 2.04 4.48 -15.22
C GLN A 323 3.31 4.20 -16.02
N LEU A 324 3.35 4.59 -17.29
CA LEU A 324 4.60 4.48 -18.05
C LEU A 324 5.64 5.43 -17.52
N HIS A 325 5.22 6.59 -17.01
CA HIS A 325 6.19 7.58 -16.56
C HIS A 325 7.05 7.03 -15.43
N TRP A 326 6.54 6.10 -14.64
CA TRP A 326 7.36 5.48 -13.60
C TRP A 326 8.52 4.70 -14.20
N PHE A 327 8.25 3.91 -15.25
CA PHE A 327 9.32 3.16 -15.87
C PHE A 327 10.31 4.07 -16.58
N GLN A 328 9.80 5.10 -17.25
CA GLN A 328 10.70 6.07 -17.85
C GLN A 328 11.55 6.76 -16.80
N ARG A 329 10.99 7.00 -15.62
CA ARG A 329 11.75 7.57 -14.52
C ARG A 329 12.83 6.62 -14.03
N PHE A 330 12.51 5.33 -13.93
CA PHE A 330 13.54 4.36 -13.56
C PHE A 330 14.69 4.40 -14.56
N LEU A 331 14.36 4.43 -15.84
CA LEU A 331 15.40 4.47 -16.87
C LEU A 331 16.24 5.72 -16.75
N GLU A 332 15.59 6.88 -16.61
CA GLU A 332 16.34 8.13 -16.48
C GLU A 332 17.20 8.12 -15.23
N ASP A 333 16.74 7.49 -14.16
CA ASP A 333 17.51 7.45 -12.93
C ASP A 333 18.77 6.62 -13.10
N GLN A 334 18.64 5.43 -13.68
CA GLN A 334 19.83 4.62 -13.89
C GLN A 334 20.78 5.29 -14.88
N GLN A 335 20.23 5.99 -15.86
CA GLN A 335 21.08 6.72 -16.81
C GLN A 335 21.81 7.86 -16.12
N THR A 336 21.14 8.53 -15.19
CA THR A 336 21.80 9.59 -14.42
C THR A 336 22.93 9.03 -13.59
N LYS A 337 22.72 7.88 -12.95
CA LYS A 337 23.81 7.27 -12.21
C LYS A 337 24.96 6.90 -13.14
N ARG A 338 24.64 6.38 -14.32
CA ARG A 338 25.70 6.04 -15.28
C ARG A 338 26.49 7.28 -15.70
N LYS A 339 25.80 8.39 -15.96
CA LYS A 339 26.49 9.62 -16.32
C LYS A 339 27.35 10.14 -15.18
N SER A 340 26.84 10.08 -13.96
CA SER A 340 27.60 10.55 -12.81
C SER A 340 28.67 9.57 -12.37
N LYS A 341 28.68 8.35 -12.93
CA LYS A 341 29.66 7.33 -12.58
C LYS A 341 29.62 7.01 -11.08
N ASN A 342 28.48 6.48 -10.65
CA ASN A 342 28.26 6.07 -9.26
C ASN A 342 28.45 7.22 -8.28
N GLN A 343 28.00 8.42 -8.65
CA GLN A 343 28.09 9.59 -7.79
C GLN A 343 26.75 10.01 -7.20
N HIS A 344 25.71 9.19 -7.33
CA HIS A 344 24.42 9.47 -6.73
C HIS A 344 24.03 8.33 -5.79
N SER A 345 23.59 8.70 -4.59
CA SER A 345 23.16 7.71 -3.61
C SER A 345 21.93 6.97 -4.11
N SER A 346 21.86 5.66 -3.86
CA SER A 346 20.79 4.90 -4.49
C SER A 346 19.45 5.08 -3.80
N GLY A 347 19.44 5.74 -2.64
CA GLY A 347 18.20 5.95 -1.93
C GLY A 347 17.23 6.90 -2.61
N LEU A 348 17.58 7.44 -3.77
CA LEU A 348 16.76 8.41 -4.47
C LEU A 348 16.55 8.04 -5.94
N PHE A 349 16.65 6.76 -6.30
CA PHE A 349 16.34 6.35 -7.68
C PHE A 349 14.88 5.96 -7.88
N THR A 350 14.04 6.13 -6.86
CA THR A 350 12.59 6.05 -6.93
C THR A 350 12.13 4.60 -7.07
N LEU A 351 13.04 3.66 -7.25
CA LEU A 351 12.72 2.24 -7.39
C LEU A 351 13.22 1.52 -6.15
N ARG A 352 12.33 1.23 -5.21
CA ARG A 352 12.79 0.64 -3.96
C ARG A 352 13.12 -0.84 -4.13
N ASN A 353 12.14 -1.65 -4.51
CA ASN A 353 12.37 -3.06 -4.78
C ASN A 353 11.28 -3.51 -5.74
N GLY A 354 11.40 -4.74 -6.22
CA GLY A 354 10.40 -5.25 -7.14
C GLY A 354 10.39 -6.76 -7.17
N HIS A 355 9.21 -7.33 -7.25
CA HIS A 355 9.09 -8.77 -7.33
C HIS A 355 8.35 -9.17 -8.61
N LEU A 356 8.82 -10.24 -9.23
CA LEU A 356 8.22 -10.79 -10.44
C LEU A 356 7.34 -11.97 -10.08
N VAL A 357 6.13 -11.99 -10.62
CA VAL A 357 5.20 -13.07 -10.34
C VAL A 357 4.71 -13.64 -11.67
N TRP A 358 4.07 -14.80 -11.58
CA TRP A 358 3.34 -15.34 -12.71
C TRP A 358 1.84 -15.26 -12.46
N LEU A 359 1.08 -15.38 -13.53
CA LEU A 359 -0.37 -15.27 -13.48
C LEU A 359 -0.96 -16.38 -14.34
N GLU A 360 -2.19 -16.77 -14.01
CA GLU A 360 -2.82 -17.93 -14.62
C GLU A 360 -3.64 -17.55 -15.84
N GLY A 361 -3.86 -18.53 -16.72
CA GLY A 361 -4.65 -18.34 -17.91
C GLY A 361 -5.73 -19.41 -18.02
N GLU A 362 -6.36 -19.44 -19.20
CA GLU A 362 -7.47 -20.37 -19.46
C GLU A 362 -7.27 -21.20 -20.73
N GLY A 363 -6.14 -21.03 -21.42
CA GLY A 363 -5.89 -21.85 -22.60
C GLY A 363 -5.76 -23.33 -22.27
N LYS A 364 -5.17 -23.64 -21.11
CA LYS A 364 -5.01 -25.01 -20.63
C LYS A 364 -4.20 -25.88 -21.59
N GLY A 365 -3.30 -25.29 -22.36
CA GLY A 365 -2.59 -26.06 -23.36
C GLY A 365 -1.11 -25.76 -23.46
N GLU A 366 -0.48 -25.37 -22.36
CA GLU A 366 0.95 -25.05 -22.41
C GLU A 366 1.56 -25.01 -21.02
N PRO A 367 2.86 -25.34 -20.89
CA PRO A 367 3.48 -25.25 -19.56
C PRO A 367 3.60 -23.83 -19.05
N TRP A 368 4.14 -22.93 -19.87
CA TRP A 368 4.36 -21.53 -19.49
C TRP A 368 3.59 -20.53 -20.32
N ASN A 369 3.28 -20.84 -21.58
CA ASN A 369 2.48 -19.92 -22.39
C ASN A 369 1.14 -19.64 -21.75
N LEU A 370 0.69 -20.54 -20.87
CA LEU A 370 -0.55 -20.31 -20.14
C LEU A 370 -0.38 -19.20 -19.11
N HIS A 371 0.81 -19.06 -18.54
CA HIS A 371 1.05 -18.12 -17.46
C HIS A 371 1.72 -16.85 -17.98
N HIS A 372 1.25 -15.71 -17.47
CA HIS A 372 1.76 -14.41 -17.89
C HIS A 372 2.70 -13.87 -16.82
N LEU A 373 3.83 -13.32 -17.25
CA LEU A 373 4.70 -12.63 -16.31
C LEU A 373 4.04 -11.35 -15.82
N THR A 374 4.46 -10.89 -14.64
CA THR A 374 3.98 -9.62 -14.13
C THR A 374 4.98 -9.07 -13.14
N LEU A 375 5.55 -7.91 -13.46
CA LEU A 375 6.48 -7.23 -12.58
C LEU A 375 5.71 -6.28 -11.67
N TYR A 376 6.05 -6.32 -10.38
CA TYR A 376 5.46 -5.46 -9.37
C TYR A 376 6.60 -4.67 -8.74
N CYS A 377 6.70 -3.39 -9.07
CA CYS A 377 7.76 -2.55 -8.52
C CYS A 377 7.18 -1.61 -7.47
N CYS A 378 7.76 -1.63 -6.28
CA CYS A 378 7.39 -0.71 -5.23
C CYS A 378 8.12 0.61 -5.45
N VAL A 379 7.36 1.67 -5.65
CA VAL A 379 7.88 2.98 -6.00
C VAL A 379 7.45 3.98 -4.93
N ASP A 380 8.39 4.79 -4.47
CA ASP A 380 8.10 5.77 -3.42
C ASP A 380 7.51 7.02 -4.06
N ASN A 381 6.22 7.26 -3.80
CA ASN A 381 5.54 8.37 -4.46
C ASN A 381 6.18 9.71 -4.08
N ARG A 382 6.56 9.87 -2.82
CA ARG A 382 7.21 11.09 -2.36
C ARG A 382 8.56 11.32 -3.02
N LEU A 383 9.11 10.30 -3.66
CA LEU A 383 10.41 10.40 -4.34
C LEU A 383 10.27 10.95 -5.75
N TRP A 384 9.08 11.38 -6.16
CA TRP A 384 8.92 11.86 -7.53
C TRP A 384 9.33 13.32 -7.64
N THR A 385 8.68 14.21 -6.88
CA THR A 385 8.97 15.63 -6.94
C THR A 385 10.30 15.94 -6.25
N GLU A 386 10.87 17.08 -6.61
CA GLU A 386 12.17 17.46 -6.05
C GLU A 386 12.09 17.71 -4.56
N GLU A 387 11.05 18.41 -4.11
CA GLU A 387 10.95 18.76 -2.69
C GLU A 387 10.67 17.53 -1.84
N GLY A 388 9.86 16.60 -2.35
CA GLY A 388 9.67 15.35 -1.66
C GLY A 388 10.97 14.57 -1.54
N THR A 389 11.80 14.59 -2.59
CA THR A 389 13.11 13.97 -2.49
C THR A 389 13.97 14.69 -1.47
N GLU A 390 13.83 16.00 -1.34
CA GLU A 390 14.56 16.73 -0.31
C GLU A 390 14.18 16.22 1.07
N ILE A 391 12.87 16.05 1.30
CA ILE A 391 12.41 15.56 2.59
C ILE A 391 12.90 14.13 2.84
N VAL A 392 12.85 13.29 1.81
CA VAL A 392 13.30 11.91 1.94
C VAL A 392 14.79 11.87 2.23
N ARG A 393 15.57 12.71 1.57
CA ARG A 393 17.00 12.79 1.83
C ARG A 393 17.27 13.22 3.26
N GLN A 394 16.50 14.20 3.75
CA GLN A 394 16.67 14.64 5.13
C GLN A 394 16.40 13.50 6.11
N GLU A 395 15.28 12.79 5.91
CA GLU A 395 14.95 11.70 6.82
C GLU A 395 15.99 10.58 6.76
N LYS A 396 16.45 10.24 5.55
CA LYS A 396 17.42 9.16 5.42
C LYS A 396 18.76 9.55 6.02
N ALA A 397 19.16 10.82 5.87
CA ALA A 397 20.40 11.28 6.50
C ALA A 397 20.29 11.22 8.02
N ASP A 398 19.13 11.61 8.56
CA ASP A 398 18.94 11.51 10.00
C ASP A 398 19.02 10.05 10.46
N GLU A 399 18.40 9.15 9.71
CA GLU A 399 18.44 7.73 10.05
C GLU A 399 19.86 7.20 9.99
N ILE A 400 20.63 7.60 8.98
CA ILE A 400 22.01 7.16 8.85
C ILE A 400 22.84 7.66 10.03
N THR A 401 22.64 8.92 10.41
CA THR A 401 23.36 9.47 11.56
C THR A 401 23.04 8.67 12.82
N LYS A 402 21.75 8.39 13.05
CA LYS A 402 21.36 7.64 14.24
C LYS A 402 21.98 6.25 14.23
N PHE A 403 21.96 5.57 13.08
CA PHE A 403 22.45 4.20 13.01
C PHE A 403 23.97 4.14 13.18
N ILE A 404 24.69 5.06 12.54
CA ILE A 404 26.14 5.11 12.69
C ILE A 404 26.51 5.39 14.15
N THR A 405 25.82 6.33 14.79
CA THR A 405 26.10 6.62 16.19
C THR A 405 25.79 5.41 17.06
N ASN A 406 24.71 4.69 16.75
CA ASN A 406 24.33 3.53 17.54
C ASN A 406 25.37 2.42 17.44
N MET A 407 25.85 2.13 16.23
CA MET A 407 26.75 0.98 16.11
C MET A 407 28.16 1.36 16.55
N LYS A 408 28.53 2.64 16.45
CA LYS A 408 29.85 3.07 16.89
C LYS A 408 30.03 2.86 18.39
N LYS A 409 28.93 2.90 19.14
CA LYS A 409 29.02 2.62 20.58
C LYS A 409 29.39 1.18 20.85
N LYS A 410 29.31 0.31 19.85
CA LYS A 410 29.66 -1.10 19.96
C LYS A 410 30.86 -1.39 19.06
N SER A 411 31.37 -2.62 19.14
CA SER A 411 32.51 -3.05 18.36
C SER A 411 32.11 -4.19 17.43
N ASP A 412 32.70 -4.21 16.24
CA ASP A 412 32.39 -5.22 15.24
C ASP A 412 33.71 -5.65 14.58
N LEU A 413 33.59 -6.44 13.51
CA LEU A 413 34.77 -6.91 12.80
C LEU A 413 35.49 -5.74 12.13
N SER A 414 36.83 -5.85 12.07
CA SER A 414 37.63 -4.74 11.56
C SER A 414 37.36 -4.44 10.10
N ASP A 415 36.96 -5.43 9.31
CA ASP A 415 36.76 -5.26 7.88
C ASP A 415 35.31 -5.04 7.49
N THR A 416 34.40 -5.84 8.03
CA THR A 416 32.99 -5.68 7.68
C THR A 416 32.43 -4.37 8.22
N GLN A 417 32.76 -4.05 9.47
CA GLN A 417 32.28 -2.80 10.07
C GLN A 417 32.83 -1.59 9.32
N GLN A 418 34.13 -1.63 8.97
CA GLN A 418 34.70 -0.53 8.21
C GLN A 418 34.08 -0.45 6.82
N ALA A 419 33.73 -1.59 6.22
CA ALA A 419 33.05 -1.57 4.95
C ALA A 419 31.68 -0.90 5.08
N LEU A 420 30.94 -1.23 6.13
CA LEU A 420 29.65 -0.58 6.37
C LEU A 420 29.81 0.92 6.58
N ILE A 421 30.83 1.31 7.35
CA ILE A 421 31.07 2.73 7.59
C ILE A 421 31.39 3.45 6.28
N GLN A 422 32.24 2.84 5.45
CA GLN A 422 32.57 3.43 4.16
C GLN A 422 31.33 3.57 3.30
N ARG A 423 30.47 2.54 3.30
CA ARG A 423 29.24 2.62 2.54
C ARG A 423 28.36 3.77 3.02
N LYS A 424 28.25 3.93 4.34
CA LYS A 424 27.39 4.99 4.87
C LYS A 424 27.96 6.37 4.56
N GLN A 425 29.28 6.53 4.66
CA GLN A 425 29.86 7.82 4.30
C GLN A 425 29.68 8.11 2.82
N SER A 426 29.83 7.09 1.97
CA SER A 426 29.58 7.29 0.54
C SER A 426 28.13 7.68 0.30
N THR A 427 27.19 7.06 1.02
CA THR A 427 25.78 7.40 0.89
C THR A 427 25.53 8.85 1.30
N LEU A 428 26.10 9.27 2.44
CA LEU A 428 25.89 10.63 2.89
C LEU A 428 26.52 11.64 1.94
N THR A 429 27.67 11.29 1.36
CA THR A 429 28.31 12.18 0.38
C THR A 429 27.48 12.28 -0.89
N ARG A 430 27.03 11.15 -1.42
CA ARG A 430 26.35 11.11 -2.69
C ARG A 430 24.91 11.57 -2.60
N ILE A 431 24.34 11.59 -1.40
CA ILE A 431 22.93 11.93 -1.24
C ILE A 431 22.68 13.42 -1.43
N ASN A 432 23.70 14.27 -1.27
CA ASN A 432 23.51 15.70 -1.42
C ASN A 432 23.40 16.10 -2.88
N ASN A 433 24.06 15.38 -3.78
CA ASN A 433 23.91 15.61 -5.21
C ASN A 433 22.55 15.06 -5.64
N SER A 434 21.70 15.94 -6.15
CA SER A 434 20.32 15.59 -6.46
C SER A 434 20.16 15.31 -7.95
N PHE A 435 18.93 14.97 -8.32
CA PHE A 435 18.56 14.67 -9.69
C PHE A 435 17.76 15.83 -10.29
N GLU A 436 17.65 15.82 -11.61
CA GLU A 436 16.89 16.85 -12.33
C GLU A 436 15.44 16.43 -12.40
N ARG A 437 14.78 16.50 -11.24
CA ARG A 437 13.41 16.06 -11.09
C ARG A 437 12.44 17.23 -11.15
N PRO A 438 11.17 16.98 -11.45
CA PRO A 438 10.19 18.07 -11.48
C PRO A 438 10.02 18.72 -10.12
N SER A 439 9.67 20.00 -10.14
CA SER A 439 9.51 20.79 -8.92
C SER A 439 8.03 21.05 -8.68
N GLN A 440 7.58 20.78 -7.46
CA GLN A 440 6.21 21.03 -7.04
C GLN A 440 6.26 21.61 -5.64
N PRO A 441 5.41 22.59 -5.32
CA PRO A 441 5.52 23.28 -4.03
C PRO A 441 5.04 22.45 -2.83
N LEU A 442 4.81 21.16 -3.04
CA LEU A 442 4.34 20.25 -1.99
C LEU A 442 2.99 20.76 -1.49
N TYR A 443 2.78 20.87 -0.19
CA TYR A 443 1.49 21.28 0.35
C TYR A 443 1.73 22.06 1.64
N GLN A 444 0.94 23.12 1.84
CA GLN A 444 1.16 24.01 2.97
C GLN A 444 0.45 23.51 4.23
N GLY A 445 -0.87 23.41 4.19
CA GLY A 445 -1.59 22.91 5.33
C GLY A 445 -1.86 23.99 6.37
N GLN A 446 -3.11 24.15 6.77
CA GLN A 446 -3.46 25.06 7.84
C GLN A 446 -3.73 24.27 9.11
N SER A 447 -3.01 24.60 10.18
CA SER A 447 -3.17 23.85 11.42
C SER A 447 -4.58 24.00 11.97
N HIS A 448 -5.16 25.20 11.88
CA HIS A 448 -6.44 25.45 12.51
C HIS A 448 -7.60 24.84 11.70
N ILE A 449 -7.40 24.55 10.43
CA ILE A 449 -8.44 23.95 9.62
C ILE A 449 -8.33 22.43 9.71
N LEU A 450 -9.42 21.76 10.05
CA LEU A 450 -9.42 20.32 10.19
C LEU A 450 -10.58 19.75 9.39
N VAL A 451 -10.33 18.67 8.66
CA VAL A 451 -11.39 17.98 7.96
C VAL A 451 -11.70 16.69 8.71
N GLY A 452 -12.81 16.68 9.44
CA GLY A 452 -13.19 15.50 10.21
C GLY A 452 -14.11 14.63 9.37
N VAL A 453 -13.91 13.32 9.47
CA VAL A 453 -14.75 12.36 8.79
C VAL A 453 -15.42 11.48 9.82
N SER A 454 -16.75 11.41 9.77
CA SER A 454 -17.53 10.57 10.65
C SER A 454 -18.01 9.36 9.88
N LEU A 455 -17.76 8.18 10.43
CA LEU A 455 -18.20 6.92 9.84
C LEU A 455 -19.38 6.39 10.62
N GLY A 456 -20.34 5.81 9.91
CA GLY A 456 -21.50 5.25 10.55
C GLY A 456 -22.11 4.18 9.69
N LEU A 457 -23.33 3.77 10.07
CA LEU A 457 -24.07 2.77 9.31
C LEU A 457 -25.00 3.41 8.29
N GLU A 458 -25.88 4.30 8.75
CA GLU A 458 -26.85 4.92 7.85
C GLU A 458 -26.14 5.74 6.77
N LYS A 459 -25.19 6.59 7.19
CA LYS A 459 -24.32 7.27 6.24
C LYS A 459 -22.91 6.71 6.38
N PRO A 460 -22.39 6.01 5.37
CA PRO A 460 -21.06 5.42 5.52
C PRO A 460 -19.98 6.42 5.86
N ALA A 461 -20.06 7.64 5.33
CA ALA A 461 -19.05 8.64 5.65
C ALA A 461 -19.61 10.02 5.37
N THR A 462 -19.62 10.87 6.40
CA THR A 462 -19.92 12.28 6.25
C THR A 462 -18.68 13.07 6.65
N VAL A 463 -18.54 14.29 6.13
CA VAL A 463 -17.31 15.02 6.32
C VAL A 463 -17.63 16.48 6.64
N ALA A 464 -16.84 17.05 7.55
CA ALA A 464 -17.01 18.44 7.96
C ALA A 464 -15.66 19.13 7.91
N VAL A 465 -15.53 20.14 7.07
CA VAL A 465 -14.36 21.01 7.04
C VAL A 465 -14.64 22.14 8.01
N VAL A 466 -13.90 22.21 9.11
CA VAL A 466 -14.22 23.12 10.20
C VAL A 466 -12.96 23.84 10.66
N ASP A 467 -13.11 25.11 11.02
CA ASP A 467 -12.06 25.85 11.69
C ASP A 467 -11.95 25.40 13.14
N ALA A 468 -10.76 25.56 13.70
CA ALA A 468 -10.54 25.24 15.11
C ALA A 468 -10.30 26.49 15.95
N ILE A 469 -9.57 27.47 15.44
CA ILE A 469 -9.39 28.72 16.18
C ILE A 469 -10.73 29.41 16.37
N ALA A 470 -11.51 29.50 15.29
CA ALA A 470 -12.91 29.85 15.40
C ALA A 470 -13.69 28.57 15.68
N ASN A 471 -15.02 28.61 15.56
CA ASN A 471 -15.82 27.42 15.76
C ASN A 471 -16.80 27.19 14.64
N LYS A 472 -16.62 27.87 13.50
CA LYS A 472 -17.54 27.77 12.39
C LYS A 472 -17.13 26.62 11.49
N VAL A 473 -18.12 25.88 11.00
CA VAL A 473 -17.89 24.84 10.02
C VAL A 473 -17.79 25.49 8.65
N LEU A 474 -16.61 25.37 8.02
CA LEU A 474 -16.44 25.96 6.71
C LEU A 474 -17.38 25.31 5.70
N ALA A 475 -17.50 23.98 5.74
CA ALA A 475 -18.38 23.31 4.80
C ALA A 475 -18.62 21.85 5.16
N TYR A 476 -19.88 21.43 5.16
CA TYR A 476 -20.23 20.03 5.29
C TYR A 476 -20.32 19.38 3.91
N ARG A 477 -20.13 18.08 3.88
CA ARG A 477 -20.44 17.27 2.71
C ARG A 477 -20.93 15.91 3.17
N SER A 478 -21.97 15.41 2.54
CA SER A 478 -22.50 14.10 2.88
C SER A 478 -22.01 13.09 1.85
N ILE A 479 -22.41 11.83 2.06
CA ILE A 479 -21.92 10.75 1.20
C ILE A 479 -22.37 10.95 -0.24
N LYS A 480 -23.63 11.36 -0.44
CA LYS A 480 -24.12 11.61 -1.78
C LYS A 480 -23.36 12.71 -2.48
N GLN A 481 -22.82 13.66 -1.72
CA GLN A 481 -22.07 14.78 -2.28
C GLN A 481 -20.60 14.46 -2.51
N LEU A 482 -20.05 13.49 -1.79
CA LEU A 482 -18.69 13.03 -2.03
C LEU A 482 -18.61 12.09 -3.21
N LEU A 483 -19.52 11.12 -3.27
CA LEU A 483 -19.51 10.19 -4.40
C LEU A 483 -19.90 10.91 -5.68
N GLY A 484 -20.82 11.87 -5.60
CA GLY A 484 -21.24 12.60 -6.77
C GLY A 484 -21.98 11.73 -7.77
N ASP A 485 -21.48 11.66 -9.01
CA ASP A 485 -22.11 10.85 -10.03
C ASP A 485 -21.92 9.36 -9.79
N ASN A 486 -21.09 8.98 -8.82
CA ASN A 486 -20.88 7.58 -8.53
C ASN A 486 -21.69 7.15 -7.33
N TYR A 487 -22.80 7.85 -7.07
CA TYR A 487 -23.60 7.52 -5.90
C TYR A 487 -24.37 6.22 -6.05
N GLU A 488 -24.83 5.89 -7.26
CA GLU A 488 -25.53 4.62 -7.43
C GLU A 488 -24.62 3.46 -7.10
N LEU A 489 -23.31 3.66 -7.15
CA LEU A 489 -22.38 2.59 -6.79
C LEU A 489 -22.57 2.17 -5.35
N LEU A 490 -22.77 3.13 -4.45
CA LEU A 490 -22.94 2.77 -3.04
C LEU A 490 -24.19 1.92 -2.84
N ASN A 491 -25.29 2.28 -3.49
CA ASN A 491 -26.52 1.52 -3.31
C ASN A 491 -26.41 0.13 -3.91
N ARG A 492 -25.85 0.04 -5.12
CA ARG A 492 -25.70 -1.29 -5.71
C ARG A 492 -24.69 -2.12 -4.93
N GLN A 493 -23.71 -1.49 -4.30
CA GLN A 493 -22.78 -2.25 -3.48
C GLN A 493 -23.45 -2.73 -2.20
N ARG A 494 -24.32 -1.92 -1.62
CA ARG A 494 -25.07 -2.39 -0.47
C ARG A 494 -25.95 -3.58 -0.83
N ARG A 495 -26.60 -3.51 -1.99
CA ARG A 495 -27.41 -4.64 -2.44
C ARG A 495 -26.55 -5.87 -2.66
N GLN A 496 -25.38 -5.71 -3.27
CA GLN A 496 -24.48 -6.83 -3.48
C GLN A 496 -24.00 -7.40 -2.15
N GLN A 497 -23.71 -6.55 -1.18
CA GLN A 497 -23.26 -7.04 0.11
C GLN A 497 -24.35 -7.82 0.81
N GLN A 498 -25.61 -7.36 0.73
CA GLN A 498 -26.73 -8.12 1.26
C GLN A 498 -26.84 -9.48 0.57
N TYR A 499 -26.76 -9.48 -0.76
CA TYR A 499 -26.89 -10.73 -1.49
C TYR A 499 -25.79 -11.71 -1.10
N LEU A 500 -24.56 -11.21 -1.00
CA LEU A 500 -23.43 -12.07 -0.65
C LEU A 500 -23.56 -12.60 0.77
N SER A 501 -24.00 -11.76 1.71
CA SER A 501 -24.17 -12.23 3.08
C SER A 501 -25.24 -13.31 3.16
N HIS A 502 -26.34 -13.12 2.44
CA HIS A 502 -27.38 -14.15 2.43
C HIS A 502 -26.85 -15.45 1.84
N GLU A 503 -26.09 -15.35 0.75
CA GLU A 503 -25.54 -16.56 0.13
C GLU A 503 -24.57 -17.27 1.07
N ARG A 504 -23.73 -16.52 1.77
CA ARG A 504 -22.82 -17.14 2.72
C ARG A 504 -23.57 -17.83 3.84
N HIS A 505 -24.62 -17.19 4.37
CA HIS A 505 -25.38 -17.84 5.42
C HIS A 505 -26.18 -19.03 4.93
N LYS A 506 -26.49 -19.08 3.62
CA LYS A 506 -27.12 -20.27 3.07
C LYS A 506 -26.18 -21.45 3.07
N ALA A 507 -24.90 -21.21 2.78
CA ALA A 507 -23.96 -22.28 2.49
C ALA A 507 -22.85 -22.38 3.52
N GLN A 508 -23.13 -21.95 4.76
CA GLN A 508 -22.12 -22.09 5.80
C GLN A 508 -21.92 -23.55 6.17
N LYS A 509 -22.93 -24.39 5.96
CA LYS A 509 -22.80 -25.80 6.25
C LYS A 509 -21.85 -26.48 5.26
N ASN A 510 -22.26 -26.57 3.99
CA ASN A 510 -21.45 -27.23 2.97
C ASN A 510 -21.92 -26.82 1.58
N PHE A 511 -21.05 -26.18 0.83
CA PHE A 511 -21.15 -25.81 -0.59
C PHE A 511 -19.76 -25.43 -1.08
N SER A 512 -19.71 -24.92 -2.31
CA SER A 512 -18.51 -24.52 -3.03
C SER A 512 -18.01 -23.16 -2.52
N PRO A 513 -16.87 -22.67 -3.00
CA PRO A 513 -16.42 -21.33 -2.60
C PRO A 513 -17.46 -20.26 -2.91
N ASN A 514 -17.53 -19.27 -2.03
CA ASN A 514 -18.59 -18.26 -2.03
C ASN A 514 -18.27 -17.05 -2.89
N GLN A 515 -17.17 -17.07 -3.64
CA GLN A 515 -16.78 -15.96 -4.49
C GLN A 515 -17.69 -15.78 -5.70
N PHE A 516 -18.77 -16.55 -5.80
CA PHE A 516 -19.66 -16.49 -6.94
C PHE A 516 -20.44 -15.18 -6.91
N GLY A 517 -20.15 -14.29 -7.87
CA GLY A 517 -20.77 -12.99 -7.92
C GLY A 517 -20.02 -11.90 -7.20
N ALA A 518 -18.93 -12.22 -6.50
CA ALA A 518 -18.17 -11.21 -5.79
C ALA A 518 -17.36 -10.37 -6.75
N SER A 519 -16.98 -9.18 -6.30
CA SER A 519 -16.18 -8.25 -7.09
C SER A 519 -15.41 -7.36 -6.14
N GLU A 520 -14.71 -6.36 -6.69
CA GLU A 520 -14.01 -5.37 -5.89
C GLU A 520 -14.72 -4.03 -5.92
N LEU A 521 -16.05 -4.04 -6.04
CA LEU A 521 -16.79 -2.80 -6.00
C LEU A 521 -16.59 -2.07 -4.68
N GLY A 522 -16.49 -2.83 -3.59
CA GLY A 522 -16.25 -2.21 -2.30
C GLY A 522 -14.95 -1.42 -2.28
N GLN A 523 -13.90 -2.00 -2.85
CA GLN A 523 -12.63 -1.29 -2.91
C GLN A 523 -12.72 -0.07 -3.80
N HIS A 524 -13.42 -0.18 -4.92
CA HIS A 524 -13.56 0.98 -5.80
C HIS A 524 -14.27 2.12 -5.11
N ILE A 525 -15.32 1.82 -4.35
CA ILE A 525 -16.03 2.87 -3.62
C ILE A 525 -15.14 3.42 -2.51
N ASP A 526 -14.42 2.56 -1.80
CA ASP A 526 -13.56 3.03 -0.74
C ASP A 526 -12.38 3.85 -1.27
N ARG A 527 -12.07 3.73 -2.55
CA ARG A 527 -11.06 4.61 -3.13
C ARG A 527 -11.64 5.89 -3.67
N LEU A 528 -12.82 5.83 -4.30
CA LEU A 528 -13.50 7.05 -4.72
C LEU A 528 -13.74 7.96 -3.53
N LEU A 529 -14.19 7.38 -2.42
CA LEU A 529 -14.46 8.16 -1.23
C LEU A 529 -13.21 8.83 -0.70
N ALA A 530 -12.10 8.09 -0.65
CA ALA A 530 -10.86 8.66 -0.15
C ALA A 530 -10.38 9.78 -1.06
N LYS A 531 -10.46 9.58 -2.38
CA LYS A 531 -10.05 10.63 -3.30
C LYS A 531 -10.88 11.88 -3.10
N ALA A 532 -12.20 11.72 -3.00
CA ALA A 532 -13.06 12.88 -2.83
C ALA A 532 -12.77 13.59 -1.52
N ILE A 533 -12.57 12.84 -0.44
CA ILE A 533 -12.34 13.46 0.86
C ILE A 533 -11.02 14.22 0.86
N VAL A 534 -9.97 13.62 0.33
CA VAL A 534 -8.68 14.30 0.31
C VAL A 534 -8.73 15.52 -0.61
N ALA A 535 -9.44 15.41 -1.73
CA ALA A 535 -9.58 16.58 -2.59
C ALA A 535 -10.30 17.70 -1.88
N LEU A 536 -11.36 17.37 -1.14
CA LEU A 536 -12.08 18.38 -0.38
C LEU A 536 -11.17 19.02 0.66
N ALA A 537 -10.35 18.21 1.33
CA ALA A 537 -9.42 18.78 2.29
C ALA A 537 -8.46 19.73 1.60
N ARG A 538 -7.94 19.35 0.43
CA ARG A 538 -6.96 20.17 -0.25
C ARG A 538 -7.57 21.46 -0.77
N THR A 539 -8.85 21.45 -1.11
CA THR A 539 -9.48 22.68 -1.60
C THR A 539 -9.46 23.76 -0.52
N TYR A 540 -9.75 23.40 0.73
CA TYR A 540 -9.85 24.35 1.82
C TYR A 540 -8.54 24.53 2.56
N LYS A 541 -7.42 24.12 1.96
CA LYS A 541 -6.11 24.23 2.58
C LYS A 541 -6.06 23.48 3.92
N ALA A 542 -6.82 22.40 4.04
CA ALA A 542 -6.89 21.68 5.29
C ALA A 542 -5.52 21.13 5.67
N GLY A 543 -5.18 21.27 6.95
CA GLY A 543 -3.89 20.83 7.43
C GLY A 543 -3.88 19.43 7.97
N SER A 544 -5.06 18.87 8.23
CA SER A 544 -5.13 17.53 8.78
C SER A 544 -6.52 16.95 8.56
N ILE A 545 -6.55 15.66 8.27
CA ILE A 545 -7.79 14.89 8.17
C ILE A 545 -7.91 14.05 9.43
N VAL A 546 -9.06 14.12 10.07
CA VAL A 546 -9.34 13.43 11.32
C VAL A 546 -10.24 12.25 11.04
N LEU A 547 -9.88 11.09 11.57
CA LEU A 547 -10.66 9.88 11.37
C LEU A 547 -10.97 9.22 12.70
N PRO A 548 -12.06 8.47 12.78
CA PRO A 548 -12.35 7.72 13.99
C PRO A 548 -11.38 6.57 14.15
N LYS A 549 -11.09 6.23 15.40
CA LYS A 549 -10.31 5.04 15.66
C LYS A 549 -11.10 3.81 15.26
N LEU A 550 -10.46 2.89 14.54
CA LEU A 550 -11.19 1.74 14.01
C LEU A 550 -11.75 0.88 15.14
N GLY A 551 -10.99 0.72 16.23
CA GLY A 551 -11.47 -0.14 17.31
C GLY A 551 -12.81 0.29 17.85
N ASP A 552 -13.04 1.60 17.96
CA ASP A 552 -14.35 2.11 18.33
C ASP A 552 -15.24 2.23 17.09
N MET A 553 -15.33 1.13 16.36
CA MET A 553 -16.21 1.05 15.20
C MET A 553 -17.31 0.01 15.35
N ARG A 554 -17.06 -1.07 16.09
CA ARG A 554 -18.16 -1.99 16.39
C ARG A 554 -19.13 -1.36 17.37
N GLU A 555 -18.62 -0.55 18.29
CA GLU A 555 -19.50 0.14 19.23
C GLU A 555 -20.34 1.20 18.53
N VAL A 556 -19.73 1.95 17.62
CA VAL A 556 -20.41 3.10 17.01
C VAL A 556 -21.59 2.62 16.18
N VAL A 557 -21.41 1.54 15.40
CA VAL A 557 -22.50 1.07 14.56
C VAL A 557 -23.64 0.53 15.41
N GLN A 558 -23.33 -0.16 16.50
CA GLN A 558 -24.38 -0.63 17.40
C GLN A 558 -25.15 0.52 18.00
N SER A 559 -24.43 1.55 18.47
CA SER A 559 -25.09 2.71 19.03
C SER A 559 -25.94 3.41 17.98
N GLU A 560 -25.46 3.47 16.75
CA GLU A 560 -26.25 4.09 15.68
C GLU A 560 -27.52 3.32 15.40
N ILE A 561 -27.44 1.99 15.38
CA ILE A 561 -28.64 1.19 15.18
C ILE A 561 -29.63 1.44 16.30
N GLN A 562 -29.14 1.49 17.54
CA GLN A 562 -30.02 1.78 18.66
C GLN A 562 -30.67 3.15 18.51
N ALA A 563 -29.89 4.15 18.12
CA ALA A 563 -30.42 5.50 17.96
C ALA A 563 -31.49 5.54 16.88
N ILE A 564 -31.25 4.89 15.74
CA ILE A 564 -32.24 4.86 14.68
C ILE A 564 -33.51 4.16 15.13
N ALA A 565 -33.36 3.04 15.83
CA ALA A 565 -34.53 2.31 16.30
C ALA A 565 -35.36 3.17 17.26
N GLU A 566 -34.70 3.82 18.21
CA GLU A 566 -35.43 4.68 19.13
C GLU A 566 -36.05 5.88 18.43
N GLN A 567 -35.40 6.40 17.38
CA GLN A 567 -35.99 7.48 16.61
C GLN A 567 -37.26 7.03 15.90
N LYS A 568 -37.26 5.80 15.37
CA LYS A 568 -38.44 5.30 14.69
C LYS A 568 -39.52 4.91 15.69
N PHE A 569 -39.22 3.97 16.58
CA PHE A 569 -40.15 3.56 17.61
C PHE A 569 -39.74 4.18 18.93
N PRO A 570 -40.51 5.11 19.48
CA PRO A 570 -40.07 5.84 20.68
C PRO A 570 -39.79 4.96 21.88
N GLY A 571 -40.78 4.18 22.32
CA GLY A 571 -40.61 3.36 23.50
C GLY A 571 -41.07 1.93 23.30
N TYR A 572 -41.59 1.63 22.11
CA TYR A 572 -42.07 0.29 21.80
C TYR A 572 -40.86 -0.62 21.61
N ILE A 573 -40.50 -1.35 22.68
CA ILE A 573 -39.27 -2.14 22.66
C ILE A 573 -39.38 -3.25 21.62
N GLU A 574 -40.54 -3.88 21.52
CA GLU A 574 -40.71 -4.94 20.53
C GLU A 574 -40.49 -4.40 19.12
N GLY A 575 -41.10 -3.25 18.83
CA GLY A 575 -40.90 -2.63 17.53
C GLY A 575 -39.46 -2.22 17.31
N GLN A 576 -38.80 -1.75 18.36
CA GLN A 576 -37.40 -1.35 18.24
C GLN A 576 -36.52 -2.54 17.88
N GLN A 577 -36.72 -3.67 18.56
CA GLN A 577 -35.94 -4.87 18.25
C GLN A 577 -36.24 -5.35 16.84
N LYS A 578 -37.52 -5.36 16.46
CA LYS A 578 -37.89 -5.82 15.12
C LYS A 578 -37.27 -4.94 14.05
N TYR A 579 -37.33 -3.62 14.24
CA TYR A 579 -36.74 -2.71 13.27
C TYR A 579 -35.22 -2.83 13.25
N ALA A 580 -34.58 -3.06 14.40
CA ALA A 580 -33.15 -3.26 14.39
C ALA A 580 -32.78 -4.50 13.58
N LYS A 581 -33.55 -5.58 13.75
CA LYS A 581 -33.29 -6.78 12.97
C LYS A 581 -33.45 -6.51 11.48
N GLN A 582 -34.54 -5.86 11.09
CA GLN A 582 -34.77 -5.59 9.68
C GLN A 582 -33.71 -4.65 9.10
N TYR A 583 -33.30 -3.64 9.88
CA TYR A 583 -32.26 -2.74 9.42
C TYR A 583 -30.93 -3.46 9.23
N ARG A 584 -30.55 -4.31 10.18
CA ARG A 584 -29.34 -5.09 10.00
C ARG A 584 -29.44 -5.99 8.79
N VAL A 585 -30.66 -6.47 8.48
CA VAL A 585 -30.85 -7.27 7.28
C VAL A 585 -30.55 -6.43 6.05
N ASN A 586 -31.08 -5.21 5.99
CA ASN A 586 -30.97 -4.42 4.76
C ASN A 586 -29.67 -3.62 4.70
N VAL A 587 -29.45 -2.72 5.66
CA VAL A 587 -28.30 -1.81 5.64
C VAL A 587 -27.16 -2.53 6.35
N HIS A 588 -26.37 -3.27 5.58
CA HIS A 588 -25.28 -4.03 6.17
C HIS A 588 -24.16 -3.12 6.64
N ARG A 589 -23.33 -3.67 7.52
CA ARG A 589 -22.17 -2.93 8.03
C ARG A 589 -21.21 -2.60 6.91
N TRP A 590 -20.74 -1.36 6.87
CA TRP A 590 -19.75 -0.95 5.90
C TRP A 590 -18.40 -1.59 6.24
N SER A 591 -17.44 -1.46 5.33
CA SER A 591 -16.10 -1.98 5.52
C SER A 591 -15.21 -0.83 5.96
N TYR A 592 -15.28 -0.48 7.24
CA TYR A 592 -14.61 0.69 7.76
C TYR A 592 -13.11 0.52 7.91
N GLY A 593 -12.56 -0.61 7.48
CA GLY A 593 -11.13 -0.79 7.55
C GLY A 593 -10.47 -0.39 6.26
N ARG A 594 -11.02 -0.83 5.13
CA ARG A 594 -10.47 -0.42 3.85
C ARG A 594 -10.63 1.08 3.64
N LEU A 595 -11.68 1.67 4.19
CA LEU A 595 -11.87 3.11 4.04
C LEU A 595 -10.78 3.88 4.77
N ILE A 596 -10.50 3.52 6.02
CA ILE A 596 -9.48 4.24 6.77
C ILE A 596 -8.12 4.07 6.12
N GLN A 597 -7.79 2.85 5.68
CA GLN A 597 -6.51 2.63 5.04
C GLN A 597 -6.41 3.39 3.72
N SER A 598 -7.49 3.41 2.94
CA SER A 598 -7.46 4.12 1.67
C SER A 598 -7.29 5.61 1.88
N ILE A 599 -7.99 6.18 2.86
CA ILE A 599 -7.82 7.60 3.18
C ILE A 599 -6.41 7.87 3.65
N GLN A 600 -5.85 6.97 4.46
CA GLN A 600 -4.47 7.16 4.90
C GLN A 600 -3.52 7.20 3.72
N SER A 601 -3.68 6.27 2.78
CA SER A 601 -2.80 6.24 1.62
C SER A 601 -2.93 7.51 0.80
N LYS A 602 -4.17 7.92 0.50
CA LYS A 602 -4.34 9.10 -0.34
C LYS A 602 -3.82 10.36 0.35
N ALA A 603 -4.11 10.51 1.64
CA ALA A 603 -3.64 11.69 2.36
C ALA A 603 -2.13 11.71 2.44
N ALA A 604 -1.50 10.57 2.71
CA ALA A 604 -0.04 10.53 2.75
C ALA A 604 0.56 10.86 1.40
N GLN A 605 -0.07 10.39 0.32
CA GLN A 605 0.41 10.72 -1.02
C GLN A 605 0.34 12.23 -1.27
N THR A 606 -0.78 12.85 -0.92
CA THR A 606 -0.93 14.27 -1.20
C THR A 606 -0.14 15.13 -0.22
N GLY A 607 0.04 14.68 1.01
CA GLY A 607 0.76 15.43 2.01
C GLY A 607 -0.07 15.89 3.19
N ILE A 608 -1.34 15.53 3.28
CA ILE A 608 -2.18 15.92 4.41
C ILE A 608 -1.98 14.92 5.53
N VAL A 609 -1.55 15.41 6.69
CA VAL A 609 -1.37 14.53 7.84
C VAL A 609 -2.72 14.07 8.35
N ILE A 610 -2.73 12.91 8.99
CA ILE A 610 -3.96 12.29 9.48
C ILE A 610 -3.85 12.13 10.98
N GLU A 611 -4.90 12.55 11.69
CA GLU A 611 -5.02 12.37 13.13
C GLU A 611 -6.25 11.52 13.43
N GLU A 612 -6.25 10.94 14.62
CA GLU A 612 -7.34 10.07 15.04
C GLU A 612 -8.05 10.68 16.23
N GLY A 613 -9.38 10.72 16.15
CA GLY A 613 -10.18 11.27 17.23
C GLY A 613 -11.21 10.28 17.74
N LYS A 614 -12.09 10.73 18.64
CA LYS A 614 -13.11 9.88 19.21
C LYS A 614 -14.47 10.37 18.72
N GLN A 615 -15.14 9.55 17.94
CA GLN A 615 -16.41 9.95 17.38
C GLN A 615 -17.47 10.06 18.48
N PRO A 616 -18.25 11.13 18.52
CA PRO A 616 -19.30 11.23 19.53
C PRO A 616 -20.35 10.15 19.35
N ILE A 617 -20.97 9.77 20.46
CA ILE A 617 -21.90 8.64 20.44
C ILE A 617 -23.17 9.00 19.67
N ARG A 618 -23.72 10.18 19.92
CA ARG A 618 -24.99 10.55 19.31
C ARG A 618 -24.93 11.89 18.60
N GLY A 619 -26.07 12.36 18.11
CA GLY A 619 -26.15 13.57 17.32
C GLY A 619 -26.25 13.27 15.83
N SER A 620 -26.60 14.30 15.07
CA SER A 620 -26.72 14.15 13.64
C SER A 620 -25.34 13.90 13.02
N PRO A 621 -25.29 13.22 11.87
CA PRO A 621 -23.98 12.89 11.28
C PRO A 621 -23.10 14.11 11.05
N HIS A 622 -23.67 15.23 10.61
CA HIS A 622 -22.89 16.45 10.47
C HIS A 622 -22.38 16.91 11.82
N ASP A 623 -23.24 16.88 12.83
CA ASP A 623 -22.80 17.26 14.18
C ASP A 623 -21.74 16.31 14.69
N LYS A 624 -21.90 15.01 14.41
CA LYS A 624 -20.89 14.05 14.82
C LYS A 624 -19.55 14.35 14.17
N ALA A 625 -19.56 14.68 12.87
CA ALA A 625 -18.32 14.99 12.18
C ALA A 625 -17.67 16.24 12.77
N LYS A 626 -18.45 17.29 12.98
CA LYS A 626 -17.89 18.52 13.52
C LYS A 626 -17.30 18.30 14.90
N GLU A 627 -18.02 17.59 15.76
CA GLU A 627 -17.51 17.37 17.11
C GLU A 627 -16.30 16.44 17.10
N LEU A 628 -16.26 15.49 16.17
CA LEU A 628 -15.06 14.66 16.02
C LEU A 628 -13.86 15.53 15.70
N ALA A 629 -14.01 16.43 14.74
CA ALA A 629 -12.90 17.30 14.37
C ALA A 629 -12.46 18.17 15.54
N LEU A 630 -13.42 18.75 16.25
CA LEU A 630 -13.06 19.62 17.37
C LEU A 630 -12.39 18.82 18.49
N SER A 631 -12.87 17.61 18.76
CA SER A 631 -12.24 16.77 19.78
C SER A 631 -10.81 16.45 19.39
N ALA A 632 -10.59 16.15 18.12
CA ALA A 632 -9.23 15.86 17.67
C ALA A 632 -8.33 17.06 17.87
N TYR A 633 -8.81 18.25 17.53
CA TYR A 633 -8.00 19.45 17.72
C TYR A 633 -7.70 19.68 19.19
N ASN A 634 -8.70 19.46 20.05
CA ASN A 634 -8.49 19.65 21.48
C ASN A 634 -7.44 18.69 22.01
N LEU A 635 -7.49 17.43 21.57
CA LEU A 635 -6.46 16.48 21.99
C LEU A 635 -5.09 16.88 21.44
N ARG A 636 -5.04 17.41 20.22
CA ARG A 636 -3.78 17.88 19.68
C ARG A 636 -3.21 19.04 20.49
N LEU A 637 -4.09 19.82 21.12
CA LEU A 637 -3.63 20.91 21.96
C LEU A 637 -2.71 20.41 23.08
N THR A 638 -2.88 19.17 23.50
CA THR A 638 -2.00 18.57 24.48
C THR A 638 -0.58 18.43 23.93
#